data_4I6Q
#
_entry.id   4I6Q
#
_cell.length_a   46.874
_cell.length_b   75.646
_cell.length_c   89.270
_cell.angle_alpha   90.00
_cell.angle_beta   90.00
_cell.angle_gamma   90.00
#
_symmetry.space_group_name_H-M   'P 21 21 21'
#
loop_
_entity.id
_entity.type
_entity.pdbx_description
1 polymer 'Tyrosine-protein kinase JAK3'
2 non-polymer 1-phenylurea
3 non-polymer N-[(1S)-1-cyclopropylethyl]-2-phenoxy-5H-pyrrolo[2,3-b]pyrazine-7-carboxamide
4 water water
#
_entity_poly.entity_id   1
_entity_poly.type   'polypeptide(L)'
_entity_poly.pdbx_seq_one_letter_code
;CQDPTIFEERHLKYISQLGKGNFGSVELCRYDPLGDNTGALVAVKQLQHSGPDQQRDFQREIQILKALHSDFIVKYRGVS
YGPGRQSLRLVMEYLPSGCLRDFLQRHRARLDASRLLLYSSQICKGMEYLGSRRCVHRDLAARNILVESEAHVKIADFGL
AKLLPLDKDYYVVREPGQSPIFWYAPESLSDNIFSRQSDVWSFGVVLYELFTYCDKSCSPSAEFLRMMGSERDVPALSRL
LELLEEGQRLPAPPACPAEVHELMKLCWAPSPQDRPSFSALGPQLDMLWSGSRGCETHAFTAHPEGKHHSLSFS
;
_entity_poly.pdbx_strand_id   A
#
# COMPACT_ATOMS: atom_id res chain seq x y z
N THR A 5 4.73 7.59 -24.25
CA THR A 5 3.60 6.76 -23.75
C THR A 5 3.60 5.31 -24.29
N ILE A 6 4.16 5.11 -25.48
CA ILE A 6 4.28 3.75 -26.04
C ILE A 6 5.76 3.43 -26.05
N PHE A 7 6.17 2.43 -25.30
CA PHE A 7 7.60 2.08 -25.25
C PHE A 7 7.82 0.87 -26.14
N GLU A 8 8.83 0.89 -26.99
CA GLU A 8 9.16 -0.28 -27.79
C GLU A 8 9.92 -1.32 -26.96
N GLU A 9 9.47 -2.57 -27.05
CA GLU A 9 10.07 -3.66 -26.25
C GLU A 9 11.56 -3.79 -26.49
N ARG A 10 11.96 -3.73 -27.76
CA ARG A 10 13.40 -3.88 -28.06
C ARG A 10 14.30 -2.83 -27.39
N HIS A 11 13.75 -1.71 -26.92
CA HIS A 11 14.56 -0.65 -26.31
C HIS A 11 14.56 -0.80 -24.77
N LEU A 12 13.77 -1.73 -24.24
CA LEU A 12 13.72 -1.90 -22.77
C LEU A 12 14.71 -3.00 -22.44
N LYS A 13 15.79 -2.64 -21.75
CA LYS A 13 16.87 -3.56 -21.40
C LYS A 13 16.70 -3.99 -19.96
N TYR A 14 16.74 -5.28 -19.75
CA TYR A 14 16.51 -5.89 -18.45
C TYR A 14 17.73 -5.67 -17.58
N ILE A 15 17.54 -5.21 -16.37
CA ILE A 15 18.63 -5.09 -15.37
C ILE A 15 18.45 -6.10 -14.25
N SER A 16 17.34 -6.04 -13.53
CA SER A 16 17.21 -6.92 -12.36
C SER A 16 15.72 -7.07 -12.00
N GLN A 17 15.44 -7.98 -11.08
CA GLN A 17 14.07 -8.05 -10.54
C GLN A 17 13.91 -7.12 -9.35
N LEU A 18 12.79 -6.40 -9.27
CA LEU A 18 12.52 -5.57 -8.05
C LEU A 18 11.59 -6.27 -7.11
N GLY A 19 10.50 -6.81 -7.62
CA GLY A 19 9.67 -7.54 -6.69
C GLY A 19 8.62 -8.29 -7.43
N LYS A 20 7.71 -8.92 -6.68
CA LYS A 20 6.77 -9.84 -7.31
C LYS A 20 5.62 -10.02 -6.34
N GLY A 21 4.51 -10.56 -6.78
CA GLY A 21 3.36 -10.62 -5.90
C GLY A 21 2.09 -10.56 -6.74
N ASN A 22 1.04 -11.19 -6.24
CA ASN A 22 -0.21 -11.38 -6.99
C ASN A 22 0.00 -11.62 -8.48
N PHE A 23 0.83 -12.62 -8.83
CA PHE A 23 0.96 -13.08 -10.24
C PHE A 23 1.71 -12.15 -11.22
N GLY A 24 2.21 -11.04 -10.70
CA GLY A 24 2.98 -10.10 -11.49
C GLY A 24 4.42 -10.02 -11.00
N SER A 25 5.29 -9.54 -11.88
CA SER A 25 6.62 -9.17 -11.39
C SER A 25 6.96 -7.78 -11.91
N VAL A 26 7.77 -7.06 -11.13
CA VAL A 26 8.25 -5.79 -11.52
C VAL A 26 9.78 -5.92 -11.76
N GLU A 27 10.23 -5.47 -12.94
CA GLU A 27 11.65 -5.46 -13.27
C GLU A 27 12.21 -4.07 -13.38
N LEU A 28 13.46 -3.89 -12.98
CA LEU A 28 14.21 -2.71 -13.33
C LEU A 28 14.80 -2.86 -14.68
N CYS A 29 14.47 -1.92 -15.59
CA CYS A 29 14.93 -1.96 -16.97
C CYS A 29 15.50 -0.59 -17.29
N ARG A 30 16.34 -0.50 -18.30
CA ARG A 30 16.73 0.77 -18.80
C ARG A 30 16.03 1.00 -20.13
N TYR A 31 15.45 2.18 -20.28
CA TYR A 31 14.85 2.46 -21.59
C TYR A 31 15.95 3.16 -22.39
N ASP A 32 16.51 2.41 -23.33
CA ASP A 32 17.82 2.73 -23.90
C ASP A 32 17.77 2.68 -25.43
N PRO A 33 17.01 3.60 -26.00
CA PRO A 33 16.83 3.52 -27.43
C PRO A 33 18.14 3.77 -28.23
N LEU A 34 19.11 4.46 -27.65
CA LEU A 34 20.42 4.57 -28.32
C LEU A 34 21.25 3.27 -28.24
N GLY A 35 20.90 2.40 -27.30
CA GLY A 35 21.60 1.15 -27.13
C GLY A 35 23.00 1.34 -26.50
N ASP A 36 23.22 2.44 -25.77
CA ASP A 36 24.59 2.76 -25.33
C ASP A 36 24.72 2.83 -23.80
N ASN A 37 23.69 2.30 -23.14
CA ASN A 37 23.54 2.34 -21.69
C ASN A 37 23.37 3.73 -21.10
N THR A 38 22.91 4.70 -21.87
CA THR A 38 22.73 6.02 -21.27
C THR A 38 21.29 6.33 -20.92
N GLY A 39 20.34 5.53 -21.40
CA GLY A 39 18.94 5.85 -21.07
C GLY A 39 18.55 5.85 -19.59
N ALA A 40 17.35 6.39 -19.36
CA ALA A 40 16.75 6.48 -18.04
C ALA A 40 16.30 5.09 -17.53
N LEU A 41 16.36 4.90 -16.20
CA LEU A 41 15.84 3.68 -15.59
C LEU A 41 14.32 3.73 -15.39
N VAL A 42 13.62 2.62 -15.60
CA VAL A 42 12.16 2.53 -15.39
C VAL A 42 11.83 1.23 -14.69
N ALA A 43 10.69 1.18 -14.02
CA ALA A 43 10.16 -0.07 -13.45
C ALA A 43 9.09 -0.62 -14.36
N VAL A 44 9.13 -1.92 -14.69
CA VAL A 44 8.25 -2.45 -15.75
C VAL A 44 7.56 -3.64 -15.12
N LYS A 45 6.24 -3.55 -15.05
CA LYS A 45 5.42 -4.66 -14.56
C LYS A 45 4.88 -5.45 -15.71
N GLN A 46 4.87 -6.76 -15.49
CA GLN A 46 4.27 -7.65 -16.47
C GLN A 46 3.74 -8.89 -15.69
N LEU A 47 2.88 -9.68 -16.34
CA LEU A 47 2.52 -10.94 -15.67
C LEU A 47 3.79 -11.82 -15.54
N GLN A 48 3.93 -12.60 -14.44
CA GLN A 48 5.08 -13.53 -14.26
C GLN A 48 5.00 -14.60 -15.33
N HIS A 49 3.80 -15.14 -15.56
CA HIS A 49 3.51 -16.00 -16.72
C HIS A 49 2.04 -15.76 -17.22
N SER A 50 1.72 -16.21 -18.44
CA SER A 50 0.39 -15.94 -19.10
C SER A 50 -0.76 -16.57 -18.32
N GLY A 51 -1.98 -16.07 -18.54
CA GLY A 51 -3.24 -16.57 -17.95
C GLY A 51 -4.34 -15.53 -18.21
N PRO A 52 -5.55 -15.97 -18.70
CA PRO A 52 -6.57 -15.00 -19.19
C PRO A 52 -7.31 -14.15 -18.13
N ASP A 53 -7.45 -14.67 -16.91
CA ASP A 53 -8.03 -13.87 -15.83
C ASP A 53 -7.05 -12.83 -15.29
N GLN A 54 -5.79 -13.25 -15.13
CA GLN A 54 -4.70 -12.39 -14.78
C GLN A 54 -4.63 -11.26 -15.85
N GLN A 55 -4.71 -11.63 -17.13
CA GLN A 55 -4.60 -10.68 -18.24
C GLN A 55 -5.64 -9.59 -18.13
N ARG A 56 -6.89 -9.99 -17.95
CA ARG A 56 -7.99 -9.04 -17.83
C ARG A 56 -7.82 -8.13 -16.60
N ASP A 57 -7.45 -8.70 -15.45
CA ASP A 57 -7.09 -7.94 -14.24
C ASP A 57 -5.97 -6.94 -14.56
N PHE A 58 -4.92 -7.42 -15.23
CA PHE A 58 -3.78 -6.56 -15.57
C PHE A 58 -4.18 -5.39 -16.45
N GLN A 59 -5.05 -5.60 -17.45
CA GLN A 59 -5.50 -4.50 -18.27
C GLN A 59 -6.24 -3.43 -17.43
N ARG A 60 -7.06 -3.86 -16.47
CA ARG A 60 -7.78 -2.91 -15.62
C ARG A 60 -6.82 -2.15 -14.72
N GLU A 61 -5.76 -2.81 -14.26
CA GLU A 61 -4.80 -2.17 -13.36
C GLU A 61 -4.12 -1.02 -14.09
N ILE A 62 -3.75 -1.28 -15.34
CA ILE A 62 -3.12 -0.31 -16.22
C ILE A 62 -4.03 0.92 -16.44
N GLN A 63 -5.27 0.65 -16.76
CA GLN A 63 -6.31 1.73 -16.95
C GLN A 63 -6.51 2.51 -15.70
N ILE A 64 -6.47 1.85 -14.55
CA ILE A 64 -6.55 2.58 -13.26
C ILE A 64 -5.38 3.46 -13.00
N LEU A 65 -4.18 2.90 -13.16
CA LEU A 65 -2.99 3.67 -12.87
C LEU A 65 -2.79 4.83 -13.84
N LYS A 66 -3.12 4.62 -15.10
CA LYS A 66 -2.96 5.65 -16.12
C LYS A 66 -3.79 6.86 -15.78
N ALA A 67 -4.92 6.65 -15.14
CA ALA A 67 -5.87 7.76 -14.84
C ALA A 67 -5.67 8.35 -13.44
N LEU A 68 -4.59 7.95 -12.75
CA LEU A 68 -4.32 8.53 -11.43
C LEU A 68 -3.17 9.51 -11.58
N HIS A 69 -3.36 10.71 -11.07
CA HIS A 69 -2.42 11.86 -11.18
C HIS A 69 -2.23 12.50 -9.81
N SER A 70 -1.23 12.03 -9.09
CA SER A 70 -1.06 12.54 -7.76
C SER A 70 0.43 12.48 -7.44
N ASP A 71 0.92 13.48 -6.73
CA ASP A 71 2.29 13.45 -6.25
C ASP A 71 2.52 12.25 -5.28
N PHE A 72 1.43 11.69 -4.74
CA PHE A 72 1.53 10.61 -3.71
C PHE A 72 1.16 9.26 -4.26
N ILE A 73 1.11 9.16 -5.59
CA ILE A 73 0.87 7.89 -6.25
C ILE A 73 1.96 7.66 -7.27
N VAL A 74 2.49 6.43 -7.31
CA VAL A 74 3.55 6.12 -8.28
C VAL A 74 3.12 6.49 -9.71
N LYS A 75 4.05 7.09 -10.45
CA LYS A 75 3.73 7.63 -11.79
C LYS A 75 3.76 6.59 -12.92
N TYR A 76 2.63 6.46 -13.58
CA TYR A 76 2.47 5.70 -14.80
C TYR A 76 3.29 6.43 -15.87
N ARG A 77 4.10 5.70 -16.63
CA ARG A 77 4.86 6.35 -17.72
C ARG A 77 4.35 5.94 -19.07
N GLY A 78 3.90 4.70 -19.20
CA GLY A 78 3.32 4.21 -20.46
C GLY A 78 3.21 2.71 -20.49
N VAL A 79 3.08 2.15 -21.70
CA VAL A 79 2.96 0.70 -21.94
C VAL A 79 3.87 0.28 -23.03
N SER A 80 4.18 -1.01 -23.01
CA SER A 80 4.87 -1.66 -24.08
C SER A 80 4.01 -2.86 -24.46
N TYR A 81 3.86 -3.10 -25.76
CA TYR A 81 3.02 -4.21 -26.27
C TYR A 81 3.87 -5.34 -26.83
N LEU A 88 0.84 -5.47 -22.86
CA LEU A 88 1.59 -6.55 -22.27
C LEU A 88 2.56 -6.08 -21.15
N ARG A 89 3.17 -4.88 -21.19
CA ARG A 89 3.93 -4.36 -20.00
C ARG A 89 3.56 -2.93 -19.54
N LEU A 90 3.53 -2.75 -18.23
CA LEU A 90 3.24 -1.43 -17.64
C LEU A 90 4.55 -0.75 -17.25
N VAL A 91 4.77 0.51 -17.75
CA VAL A 91 6.07 1.18 -17.53
C VAL A 91 5.79 2.30 -16.55
N MET A 92 6.56 2.30 -15.45
CA MET A 92 6.36 3.25 -14.34
C MET A 92 7.67 3.89 -13.99
N GLU A 93 7.61 4.99 -13.24
CA GLU A 93 8.84 5.60 -12.73
C GLU A 93 9.55 4.59 -11.78
N TYR A 94 10.87 4.69 -11.77
CA TYR A 94 11.67 3.81 -10.87
C TYR A 94 12.13 4.70 -9.75
N LEU A 95 11.87 4.29 -8.50
CA LEU A 95 12.26 5.09 -7.32
C LEU A 95 13.34 4.29 -6.57
N PRO A 96 14.59 4.68 -6.73
CA PRO A 96 15.65 3.73 -6.33
C PRO A 96 15.71 3.51 -4.82
N SER A 97 15.10 4.38 -4.01
CA SER A 97 15.15 4.17 -2.56
C SER A 97 14.24 2.99 -2.20
N GLY A 98 13.37 2.56 -3.12
CA GLY A 98 12.66 1.33 -2.92
C GLY A 98 11.50 1.44 -1.96
N CYS A 99 11.12 0.38 -1.25
CA CYS A 99 9.84 0.47 -0.51
C CYS A 99 10.09 1.03 0.91
N LEU A 100 9.02 1.55 1.51
CA LEU A 100 9.06 2.24 2.79
C LEU A 100 9.42 1.25 3.91
N ARG A 101 8.96 0.03 3.82
CA ARG A 101 9.32 -1.05 4.82
C ARG A 101 10.81 -1.19 4.96
N ASP A 102 11.49 -1.31 3.84
CA ASP A 102 12.94 -1.43 3.75
C ASP A 102 13.61 -0.15 4.21
N PHE A 103 13.13 0.99 3.68
CA PHE A 103 13.72 2.28 4.04
C PHE A 103 13.65 2.61 5.55
N LEU A 104 12.50 2.30 6.15
CA LEU A 104 12.34 2.45 7.63
C LEU A 104 13.36 1.58 8.43
N GLN A 105 13.54 0.36 8.02
CA GLN A 105 14.48 -0.57 8.73
C GLN A 105 15.91 -0.08 8.58
N ARG A 106 16.30 0.40 7.40
CA ARG A 106 17.64 0.91 7.13
C ARG A 106 17.94 2.26 7.78
N HIS A 107 16.95 3.13 7.86
CA HIS A 107 17.23 4.45 8.30
C HIS A 107 16.63 4.83 9.60
N ARG A 108 16.20 3.86 10.42
CA ARG A 108 15.47 4.28 11.65
C ARG A 108 16.18 5.32 12.52
N ALA A 109 17.52 5.22 12.65
CA ALA A 109 18.25 6.13 13.53
C ALA A 109 18.18 7.64 13.17
N ARG A 110 17.74 7.91 11.95
CA ARG A 110 17.71 9.22 11.33
C ARG A 110 16.28 9.76 11.25
N LEU A 111 15.28 8.89 11.36
CA LEU A 111 13.91 9.28 11.08
C LEU A 111 13.17 9.50 12.42
N ASP A 112 12.84 10.73 12.77
CA ASP A 112 12.13 10.99 14.03
C ASP A 112 10.58 10.96 13.87
N ALA A 113 9.84 11.16 14.96
CA ALA A 113 8.37 11.13 14.94
C ALA A 113 7.81 12.10 13.90
N SER A 114 8.40 13.27 13.77
CA SER A 114 7.92 14.27 12.82
C SER A 114 7.92 13.71 11.41
N ARG A 115 9.02 13.05 11.08
CA ARG A 115 9.16 12.53 9.72
C ARG A 115 8.14 11.41 9.47
N LEU A 116 7.90 10.57 10.47
CA LEU A 116 6.94 9.46 10.31
C LEU A 116 5.56 10.06 10.13
N LEU A 117 5.28 11.18 10.82
CA LEU A 117 4.00 11.83 10.67
C LEU A 117 3.87 12.47 9.28
N LEU A 118 4.99 12.97 8.77
CA LEU A 118 5.00 13.46 7.40
C LEU A 118 4.61 12.35 6.36
N TYR A 119 5.31 11.21 6.42
CA TYR A 119 4.96 10.06 5.58
C TYR A 119 3.49 9.65 5.76
N SER A 120 2.98 9.65 7.00
CA SER A 120 1.63 9.24 7.32
C SER A 120 0.67 10.22 6.61
N SER A 121 1.00 11.49 6.66
CA SER A 121 0.14 12.55 6.05
C SER A 121 0.09 12.41 4.51
N GLN A 122 1.24 12.04 3.94
CA GLN A 122 1.35 11.90 2.50
C GLN A 122 0.58 10.67 2.02
N ILE A 123 0.67 9.57 2.77
CA ILE A 123 -0.04 8.37 2.42
C ILE A 123 -1.54 8.66 2.55
N CYS A 124 -1.92 9.36 3.62
CA CYS A 124 -3.35 9.69 3.83
C CYS A 124 -3.88 10.50 2.64
N LYS A 125 -3.11 11.46 2.23
CA LYS A 125 -3.50 12.34 1.12
C LYS A 125 -3.57 11.54 -0.19
N GLY A 126 -2.60 10.64 -0.45
CA GLY A 126 -2.79 9.75 -1.58
C GLY A 126 -4.06 8.89 -1.45
N MET A 127 -4.38 8.40 -0.24
CA MET A 127 -5.61 7.58 -0.08
C MET A 127 -6.92 8.37 -0.23
N GLU A 128 -6.91 9.57 0.29
CA GLU A 128 -8.00 10.55 0.06
C GLU A 128 -8.20 10.71 -1.46
N TYR A 129 -7.12 10.84 -2.24
CA TYR A 129 -7.29 10.99 -3.69
C TYR A 129 -7.86 9.72 -4.33
N LEU A 130 -7.33 8.54 -3.93
CA LEU A 130 -7.84 7.29 -4.41
C LEU A 130 -9.33 7.16 -4.15
N GLY A 131 -9.72 7.48 -2.92
CA GLY A 131 -11.13 7.46 -2.53
C GLY A 131 -12.00 8.36 -3.39
N SER A 132 -11.49 9.56 -3.69
CA SER A 132 -12.24 10.48 -4.58
C SER A 132 -12.41 9.91 -5.98
N ARG A 133 -11.51 9.01 -6.40
CA ARG A 133 -11.62 8.33 -7.68
C ARG A 133 -12.42 7.05 -7.59
N ARG A 134 -13.03 6.76 -6.41
CA ARG A 134 -13.77 5.54 -6.17
C ARG A 134 -12.90 4.29 -6.27
N CYS A 135 -11.62 4.44 -5.98
CA CYS A 135 -10.67 3.31 -6.06
C CYS A 135 -10.46 2.73 -4.64
N VAL A 136 -10.65 1.44 -4.47
CA VAL A 136 -10.33 0.76 -3.24
C VAL A 136 -8.97 0.05 -3.54
N HIS A 137 -7.97 0.28 -2.71
CA HIS A 137 -6.61 -0.12 -3.07
C HIS A 137 -6.46 -1.60 -2.73
N ARG A 138 -6.90 -1.95 -1.53
CA ARG A 138 -7.06 -3.35 -1.04
C ARG A 138 -5.76 -3.92 -0.61
N ASP A 139 -4.62 -3.29 -0.87
CA ASP A 139 -3.35 -3.94 -0.40
C ASP A 139 -2.42 -2.90 0.25
N LEU A 140 -2.97 -1.99 1.01
CA LEU A 140 -2.13 -0.97 1.59
C LEU A 140 -1.23 -1.55 2.70
N ALA A 141 0.10 -1.37 2.58
CA ALA A 141 1.04 -1.85 3.57
C ALA A 141 2.35 -1.16 3.30
N ALA A 142 3.24 -1.04 4.31
CA ALA A 142 4.55 -0.38 4.05
C ALA A 142 5.38 -0.98 2.94
N ARG A 143 5.20 -2.28 2.68
CA ARG A 143 6.00 -2.93 1.63
C ARG A 143 5.54 -2.47 0.24
N ASN A 144 4.37 -1.79 0.18
CA ASN A 144 3.78 -1.35 -1.13
C ASN A 144 3.76 0.17 -1.23
N ILE A 145 4.45 0.85 -0.32
CA ILE A 145 4.61 2.30 -0.40
C ILE A 145 6.10 2.50 -0.81
N LEU A 146 6.32 3.35 -1.76
CA LEU A 146 7.64 3.63 -2.29
C LEU A 146 8.19 4.91 -1.75
N VAL A 147 9.53 5.02 -1.73
CA VAL A 147 10.12 6.22 -1.21
C VAL A 147 10.73 6.97 -2.41
N GLU A 148 10.19 8.17 -2.67
CA GLU A 148 10.73 9.07 -3.72
C GLU A 148 11.98 9.82 -3.23
N SER A 149 11.96 10.31 -2.01
CA SER A 149 13.12 11.01 -1.39
C SER A 149 12.92 10.93 0.09
N GLU A 150 13.92 11.38 0.84
CA GLU A 150 13.87 11.45 2.31
C GLU A 150 12.54 11.99 2.89
N ALA A 151 11.91 12.89 2.17
CA ALA A 151 10.76 13.60 2.69
C ALA A 151 9.53 13.43 1.76
N HIS A 152 9.48 12.36 0.98
CA HIS A 152 8.36 12.15 0.03
C HIS A 152 8.13 10.65 -0.23
N VAL A 153 6.95 10.11 0.17
CA VAL A 153 6.55 8.73 -0.23
C VAL A 153 5.37 8.66 -1.22
N LYS A 154 5.20 7.52 -1.89
CA LYS A 154 4.14 7.37 -2.95
C LYS A 154 3.59 5.99 -2.82
N ILE A 155 2.27 5.92 -2.89
CA ILE A 155 1.59 4.64 -2.88
C ILE A 155 1.78 3.88 -4.21
N ALA A 156 2.18 2.63 -4.08
CA ALA A 156 2.26 1.74 -5.24
C ALA A 156 1.38 0.47 -5.13
N ASP A 157 1.60 -0.53 -6.00
CA ASP A 157 0.94 -1.85 -6.04
C ASP A 157 -0.60 -1.83 -6.19
N PHE A 158 -1.05 -1.64 -7.42
CA PHE A 158 -2.46 -1.50 -7.79
C PHE A 158 -2.96 -2.80 -8.39
N GLY A 159 -2.22 -3.87 -8.11
CA GLY A 159 -2.55 -5.20 -8.64
C GLY A 159 -3.89 -5.74 -8.14
N LEU A 160 -4.34 -5.32 -6.95
CA LEU A 160 -5.63 -5.79 -6.41
C LEU A 160 -6.72 -4.67 -6.41
N ALA A 161 -6.38 -3.50 -6.96
CA ALA A 161 -7.25 -2.29 -6.76
C ALA A 161 -8.54 -2.50 -7.55
N LYS A 162 -9.65 -2.00 -7.01
CA LYS A 162 -10.96 -2.10 -7.67
C LYS A 162 -11.61 -0.71 -7.73
N LEU A 163 -12.38 -0.44 -8.78
CA LEU A 163 -13.21 0.76 -8.86
C LEU A 163 -14.64 0.44 -8.35
N LEU A 164 -15.17 1.22 -7.41
CA LEU A 164 -16.53 1.05 -6.90
C LEU A 164 -17.53 1.60 -7.90
N PRO A 165 -18.56 0.82 -8.21
CA PRO A 165 -19.62 1.38 -9.06
C PRO A 165 -20.22 2.62 -8.43
N LEU A 166 -20.91 3.41 -9.25
CA LEU A 166 -21.45 4.69 -8.72
C LEU A 166 -22.50 4.51 -7.63
N ASP A 167 -23.12 3.35 -7.57
CA ASP A 167 -24.24 3.23 -6.67
C ASP A 167 -24.01 2.37 -5.43
N LYS A 168 -22.72 2.05 -5.16
CA LYS A 168 -22.38 1.07 -4.12
C LYS A 168 -21.06 1.48 -3.54
N ASP A 169 -20.88 1.39 -2.21
CA ASP A 169 -19.62 1.87 -1.63
C ASP A 169 -18.74 0.77 -1.07
N TYR A 170 -18.99 -0.44 -1.50
CA TYR A 170 -18.18 -1.58 -1.09
C TYR A 170 -18.18 -2.56 -2.22
N TYR A 171 -17.35 -3.59 -2.12
CA TYR A 171 -17.11 -4.49 -3.22
C TYR A 171 -16.89 -5.84 -2.54
N VAL A 172 -17.53 -6.90 -3.03
CA VAL A 172 -17.34 -8.23 -2.44
C VAL A 172 -16.45 -9.07 -3.35
N VAL A 173 -15.29 -9.51 -2.86
CA VAL A 173 -14.41 -10.36 -3.67
C VAL A 173 -14.79 -11.81 -3.47
N ARG A 174 -14.65 -12.66 -4.50
CA ARG A 174 -15.11 -14.06 -4.39
C ARG A 174 -14.08 -15.06 -3.84
N GLU A 175 -12.86 -15.02 -4.35
CA GLU A 175 -11.81 -15.89 -3.82
C GLU A 175 -11.20 -15.33 -2.51
N PRO A 176 -10.66 -16.21 -1.63
CA PRO A 176 -10.05 -15.74 -0.36
C PRO A 176 -8.83 -14.88 -0.68
N GLY A 177 -8.46 -14.00 0.25
CA GLY A 177 -7.30 -13.15 -0.03
C GLY A 177 -6.01 -13.94 0.03
N GLN A 178 -4.99 -13.40 -0.64
CA GLN A 178 -3.67 -14.02 -0.63
C GLN A 178 -2.59 -13.14 0.09
N SER A 179 -2.96 -11.97 0.64
CA SER A 179 -1.97 -11.09 1.32
C SER A 179 -1.83 -11.49 2.84
N PRO A 180 -0.74 -11.12 3.52
CA PRO A 180 -0.59 -11.43 4.99
C PRO A 180 -1.83 -10.95 5.73
N ILE A 181 -2.42 -11.81 6.57
CA ILE A 181 -3.77 -11.56 7.07
C ILE A 181 -3.95 -10.36 8.03
N PHE A 182 -2.83 -9.85 8.54
CA PHE A 182 -2.89 -8.93 9.67
C PHE A 182 -3.09 -7.49 9.23
N TRP A 183 -3.27 -7.26 7.93
CA TRP A 183 -3.59 -5.94 7.45
C TRP A 183 -5.08 -5.85 7.03
N TYR A 184 -5.84 -6.95 7.05
CA TYR A 184 -7.25 -6.93 6.58
C TYR A 184 -8.21 -6.51 7.67
N ALA A 185 -9.22 -5.75 7.27
CA ALA A 185 -10.31 -5.41 8.18
C ALA A 185 -11.15 -6.62 8.57
N PRO A 186 -11.83 -6.57 9.74
CA PRO A 186 -12.66 -7.73 10.12
C PRO A 186 -13.70 -8.08 9.06
N GLU A 187 -14.35 -7.10 8.44
CA GLU A 187 -15.37 -7.41 7.45
C GLU A 187 -14.75 -8.06 6.20
N SER A 188 -13.47 -7.83 5.97
CA SER A 188 -12.85 -8.46 4.84
C SER A 188 -12.51 -9.90 5.22
N LEU A 189 -11.99 -10.07 6.43
CA LEU A 189 -11.66 -11.40 6.96
C LEU A 189 -12.89 -12.31 7.00
N SER A 190 -13.98 -11.77 7.51
CA SER A 190 -15.19 -12.58 7.61
C SER A 190 -16.05 -12.66 6.35
N ASP A 191 -16.14 -11.60 5.54
CA ASP A 191 -17.14 -11.63 4.42
C ASP A 191 -16.59 -11.19 3.03
N ASN A 192 -15.27 -11.02 2.96
CA ASN A 192 -14.54 -10.58 1.76
C ASN A 192 -15.08 -9.25 1.23
N ILE A 193 -15.51 -8.39 2.15
CA ILE A 193 -16.02 -7.04 1.82
C ILE A 193 -14.88 -6.10 1.87
N PHE A 194 -14.74 -5.30 0.81
CA PHE A 194 -13.70 -4.32 0.79
C PHE A 194 -14.35 -2.98 0.40
N SER A 195 -13.80 -1.94 0.96
CA SER A 195 -14.38 -0.60 0.81
C SER A 195 -13.27 0.39 1.12
N ARG A 196 -13.57 1.67 0.92
CA ARG A 196 -12.66 2.70 1.37
C ARG A 196 -12.39 2.69 2.88
N GLN A 197 -13.37 2.23 3.67
CA GLN A 197 -13.27 2.12 5.12
C GLN A 197 -12.48 0.86 5.51
N SER A 198 -12.41 -0.10 4.62
CA SER A 198 -11.44 -1.21 4.90
C SER A 198 -10.02 -0.77 4.61
N ASP A 199 -9.83 0.19 3.67
CA ASP A 199 -8.49 0.75 3.43
C ASP A 199 -8.08 1.57 4.67
N VAL A 200 -9.01 2.26 5.31
CA VAL A 200 -8.73 2.98 6.59
C VAL A 200 -8.25 2.01 7.63
N TRP A 201 -8.84 0.84 7.72
CA TRP A 201 -8.32 -0.17 8.70
C TRP A 201 -6.87 -0.46 8.41
N SER A 202 -6.56 -0.68 7.16
CA SER A 202 -5.20 -1.06 6.74
C SER A 202 -4.23 0.08 6.95
N PHE A 203 -4.68 1.33 6.74
CA PHE A 203 -3.87 2.49 7.05
C PHE A 203 -3.46 2.55 8.54
N GLY A 204 -4.40 2.23 9.45
CA GLY A 204 -4.06 2.09 10.86
C GLY A 204 -2.87 1.11 11.03
N VAL A 205 -2.89 0.01 10.29
CA VAL A 205 -1.78 -0.97 10.41
C VAL A 205 -0.51 -0.33 9.81
N VAL A 206 -0.67 0.47 8.74
CA VAL A 206 0.47 1.15 8.20
C VAL A 206 1.06 2.16 9.20
N LEU A 207 0.20 2.86 9.95
CA LEU A 207 0.69 3.79 10.98
C LEU A 207 1.46 3.00 12.04
N TYR A 208 0.92 1.85 12.44
CA TYR A 208 1.67 0.91 13.29
C TYR A 208 3.07 0.52 12.76
N GLU A 209 3.16 0.09 11.47
CA GLU A 209 4.47 -0.16 10.81
C GLU A 209 5.43 0.99 10.85
N LEU A 210 4.93 2.18 10.48
CA LEU A 210 5.73 3.39 10.50
C LEU A 210 6.27 3.52 11.91
N PHE A 211 5.39 3.44 12.92
CA PHE A 211 5.89 3.79 14.29
C PHE A 211 6.68 2.71 15.02
N THR A 212 6.73 1.53 14.42
CA THR A 212 7.67 0.49 14.84
C THR A 212 8.86 0.41 13.92
N TYR A 213 8.89 1.31 12.93
CA TYR A 213 9.94 1.24 11.89
C TYR A 213 10.04 -0.11 11.21
N CYS A 214 8.91 -0.81 11.04
CA CYS A 214 8.87 -2.12 10.42
C CYS A 214 9.79 -3.14 11.06
N ASP A 215 10.02 -3.00 12.38
CA ASP A 215 10.90 -3.95 13.04
C ASP A 215 10.21 -5.28 13.04
N LYS A 216 10.94 -6.32 12.63
CA LYS A 216 10.32 -7.64 12.53
C LYS A 216 9.86 -8.20 13.87
N SER A 217 10.56 -7.90 14.99
CA SER A 217 10.13 -8.56 16.24
C SER A 217 8.85 -7.98 16.83
N CYS A 218 8.45 -6.78 16.47
CA CYS A 218 7.14 -6.33 16.91
C CYS A 218 6.18 -6.16 15.74
N SER A 219 6.40 -6.95 14.70
CA SER A 219 5.54 -6.85 13.49
C SER A 219 4.11 -7.37 13.77
N PRO A 220 3.14 -6.98 12.93
CA PRO A 220 1.79 -7.49 13.17
C PRO A 220 1.75 -8.97 13.35
N SER A 221 2.54 -9.67 12.52
CA SER A 221 2.62 -11.11 12.58
C SER A 221 3.22 -11.59 13.90
N ALA A 222 4.32 -10.99 14.32
CA ALA A 222 4.91 -11.47 15.56
C ALA A 222 3.97 -11.27 16.75
N GLU A 223 3.31 -10.11 16.83
CA GLU A 223 2.35 -9.85 17.89
C GLU A 223 1.22 -10.88 18.03
N PHE A 224 0.70 -11.43 16.90
CA PHE A 224 -0.39 -12.46 16.90
C PHE A 224 0.05 -13.79 17.54
N LEU A 225 1.24 -14.26 17.21
CA LEU A 225 1.72 -15.51 17.72
C LEU A 225 1.98 -15.38 19.21
N ARG A 226 2.20 -14.14 19.66
CA ARG A 226 2.16 -13.93 21.09
C ARG A 226 0.74 -13.86 21.62
N MET A 227 -0.18 -13.18 20.93
CA MET A 227 -1.53 -13.13 21.47
C MET A 227 -2.26 -14.45 21.32
N MET A 228 -1.65 -15.39 20.60
CA MET A 228 -2.16 -16.75 20.37
C MET A 228 -3.44 -16.79 19.56
N VAL A 234 -6.82 -24.46 15.86
CA VAL A 234 -7.79 -23.56 15.23
C VAL A 234 -7.07 -22.66 14.22
N PRO A 235 -7.61 -22.55 12.99
CA PRO A 235 -6.88 -21.77 11.98
C PRO A 235 -6.69 -20.31 12.40
N ALA A 236 -5.51 -19.80 12.08
CA ALA A 236 -5.10 -18.48 12.41
C ALA A 236 -6.11 -17.38 12.02
N LEU A 237 -6.76 -17.54 10.87
CA LEU A 237 -7.70 -16.52 10.42
C LEU A 237 -8.92 -16.42 11.34
N SER A 238 -9.45 -17.56 11.74
CA SER A 238 -10.53 -17.61 12.70
C SER A 238 -10.09 -17.09 14.06
N ARG A 239 -8.87 -17.44 14.47
CA ARG A 239 -8.32 -16.94 15.75
C ARG A 239 -8.20 -15.40 15.69
N LEU A 240 -7.71 -14.88 14.56
CA LEU A 240 -7.49 -13.44 14.44
C LEU A 240 -8.80 -12.70 14.50
N LEU A 241 -9.80 -13.25 13.81
CA LEU A 241 -11.11 -12.63 13.87
C LEU A 241 -11.69 -12.64 15.30
N GLU A 242 -11.54 -13.76 16.03
CA GLU A 242 -12.10 -13.80 17.38
C GLU A 242 -11.41 -12.76 18.28
N LEU A 243 -10.07 -12.64 18.18
CA LEU A 243 -9.27 -11.66 18.91
C LEU A 243 -9.76 -10.22 18.62
N LEU A 244 -10.04 -9.96 17.34
CA LEU A 244 -10.57 -8.67 16.93
C LEU A 244 -11.96 -8.39 17.41
N GLU A 245 -12.85 -9.38 17.36
CA GLU A 245 -14.21 -9.25 17.87
C GLU A 245 -14.25 -8.99 19.38
N GLU A 246 -13.29 -9.56 20.10
CA GLU A 246 -13.16 -9.36 21.53
C GLU A 246 -12.67 -7.98 21.88
N GLY A 247 -12.27 -7.22 20.86
CA GLY A 247 -11.68 -5.91 21.03
C GLY A 247 -10.16 -5.84 21.23
N GLN A 248 -9.43 -6.95 21.05
CA GLN A 248 -7.97 -6.96 21.13
C GLN A 248 -7.39 -6.21 19.92
N ARG A 249 -6.31 -5.49 20.12
CA ARG A 249 -5.65 -4.71 19.02
C ARG A 249 -4.18 -4.77 19.24
N LEU A 250 -3.39 -4.37 18.23
CA LEU A 250 -1.94 -4.30 18.40
C LEU A 250 -1.61 -3.26 19.46
N PRO A 251 -0.60 -3.55 20.31
CA PRO A 251 -0.28 -2.66 21.41
C PRO A 251 0.41 -1.42 20.85
N ALA A 252 0.37 -0.31 21.58
CA ALA A 252 1.07 0.91 21.15
C ALA A 252 2.59 0.56 20.89
N PRO A 253 3.18 1.00 19.73
CA PRO A 253 4.59 0.79 19.49
C PRO A 253 5.49 1.47 20.58
N PRO A 254 6.67 0.89 20.81
CA PRO A 254 7.61 1.48 21.78
C PRO A 254 7.78 2.96 21.47
N ALA A 255 7.61 3.79 22.51
CA ALA A 255 7.78 5.27 22.37
C ALA A 255 6.78 5.93 21.44
N CYS A 256 5.69 5.25 21.11
CA CYS A 256 4.67 5.86 20.24
C CYS A 256 4.03 7.07 20.92
N PRO A 257 3.91 8.22 20.21
CA PRO A 257 3.18 9.29 20.87
C PRO A 257 1.75 8.83 21.13
N ALA A 258 1.20 9.21 22.27
CA ALA A 258 -0.19 8.87 22.63
C ALA A 258 -1.21 9.23 21.57
N GLU A 259 -1.10 10.40 20.98
CA GLU A 259 -2.13 10.84 20.04
C GLU A 259 -2.05 10.01 18.77
N VAL A 260 -0.84 9.54 18.41
CA VAL A 260 -0.70 8.66 17.23
C VAL A 260 -1.36 7.33 17.48
N HIS A 261 -1.12 6.74 18.64
CA HIS A 261 -1.82 5.54 19.03
C HIS A 261 -3.36 5.71 19.05
N GLU A 262 -3.88 6.81 19.57
CA GLU A 262 -5.35 7.05 19.53
C GLU A 262 -5.87 7.05 18.11
N LEU A 263 -5.11 7.65 17.20
CA LEU A 263 -5.50 7.59 15.77
C LEU A 263 -5.54 6.16 15.25
N MET A 264 -4.54 5.34 15.55
CA MET A 264 -4.63 3.94 15.13
C MET A 264 -5.87 3.24 15.64
N LYS A 265 -6.21 3.46 16.91
CA LYS A 265 -7.36 2.78 17.48
C LYS A 265 -8.66 3.18 16.79
N LEU A 266 -8.70 4.43 16.31
CA LEU A 266 -9.90 4.96 15.63
C LEU A 266 -10.00 4.28 14.26
N CYS A 267 -8.85 4.14 13.58
CA CYS A 267 -8.85 3.37 12.32
C CYS A 267 -9.28 1.93 12.50
N TRP A 268 -9.03 1.37 13.69
CA TRP A 268 -9.48 0.02 13.98
C TRP A 268 -10.83 -0.12 14.69
N ALA A 269 -11.73 0.87 14.57
CA ALA A 269 -13.11 0.70 15.05
C ALA A 269 -13.72 -0.56 14.38
N PRO A 270 -14.45 -1.41 15.16
CA PRO A 270 -15.04 -2.64 14.60
C PRO A 270 -15.95 -2.42 13.37
N SER A 271 -16.71 -1.34 13.42
CA SER A 271 -17.72 -1.01 12.41
C SER A 271 -17.09 -0.04 11.41
N PRO A 272 -17.06 -0.42 10.12
CA PRO A 272 -16.48 0.42 9.08
C PRO A 272 -17.01 1.85 9.14
N GLN A 273 -18.29 2.02 9.44
CA GLN A 273 -18.87 3.38 9.57
C GLN A 273 -18.39 4.18 10.76
N ASP A 274 -17.79 3.54 11.77
CA ASP A 274 -17.21 4.35 12.85
C ASP A 274 -15.75 4.71 12.68
N ARG A 275 -15.12 4.31 11.58
CA ARG A 275 -13.72 4.69 11.33
C ARG A 275 -13.74 6.03 10.70
N PRO A 276 -12.74 6.86 11.00
CA PRO A 276 -12.76 8.13 10.31
C PRO A 276 -12.48 7.92 8.82
N SER A 277 -12.87 8.89 8.00
CA SER A 277 -12.39 8.91 6.61
C SER A 277 -10.99 9.50 6.53
N PHE A 278 -10.34 9.24 5.40
CA PHE A 278 -9.02 9.80 5.13
C PHE A 278 -9.08 11.34 5.09
N SER A 279 -10.23 11.91 4.68
CA SER A 279 -10.32 13.37 4.72
C SER A 279 -10.30 13.93 6.16
N ALA A 280 -10.90 13.20 7.12
CA ALA A 280 -10.89 13.55 8.57
C ALA A 280 -9.50 13.27 9.20
N LEU A 281 -8.92 12.12 8.83
CA LEU A 281 -7.54 11.81 9.28
C LEU A 281 -6.46 12.81 8.90
N GLY A 282 -6.48 13.23 7.63
CA GLY A 282 -5.46 14.17 7.08
C GLY A 282 -5.14 15.40 7.90
N PRO A 283 -6.16 16.20 8.20
CA PRO A 283 -5.89 17.39 9.01
C PRO A 283 -5.31 17.06 10.38
N GLN A 284 -5.74 15.95 10.95
CA GLN A 284 -5.27 15.50 12.27
C GLN A 284 -3.77 15.18 12.25
N LEU A 285 -3.33 14.41 11.25
CA LEU A 285 -1.89 14.14 11.09
C LEU A 285 -1.06 15.41 10.89
N ASP A 286 -1.60 16.34 10.10
CA ASP A 286 -0.92 17.63 9.87
C ASP A 286 -0.76 18.42 11.14
N MET A 287 -1.82 18.46 11.93
CA MET A 287 -1.75 19.13 13.20
C MET A 287 -0.72 18.48 14.11
N LEU A 288 -0.65 17.15 14.13
CA LEU A 288 0.41 16.49 14.91
C LEU A 288 1.82 16.75 14.35
N TRP A 289 1.96 16.70 13.03
CA TRP A 289 3.22 17.03 12.36
C TRP A 289 3.71 18.46 12.67
N SER A 290 2.78 19.40 12.76
CA SER A 290 3.04 20.81 13.09
C SER A 290 3.28 20.98 14.58
N GLY A 291 2.77 20.04 15.37
CA GLY A 291 2.93 20.06 16.83
C GLY A 291 3.95 19.09 17.38
N SER A 292 4.84 18.56 16.52
CA SER A 292 5.84 17.57 16.94
C SER A 292 7.26 18.13 17.01
#